data_6AJP
#
_entry.id   6AJP
#
_cell.length_a   36.436
_cell.length_b   51.209
_cell.length_c   54.533
_cell.angle_alpha   90.00
_cell.angle_beta   104.98
_cell.angle_gamma   90.00
#
_symmetry.space_group_name_H-M   'P 1 21 1'
#
loop_
_entity.id
_entity.type
_entity.pdbx_description
1 polymer 'Uracil DNA glycosylase superfamily protein'
2 non-polymer "2'-DEOXYURIDINE-5'-MONOPHOSPHATE"
3 non-polymer 'IRON/SULFUR CLUSTER'
4 water water
#
_entity_poly.entity_id   1
_entity_poly.type   'polypeptide(L)'
_entity_poly.pdbx_seq_one_letter_code
;MGSSHHHHHHSSGLVPRGSHMAGAQDFVPHTADLAELAAAAGECRGCGLYRDATQAVFGAGGRSARIMMIGEQPGDKEDL
AGLPFVGPAGRLLDRALEAADIDRDALYVTNAVKHFKFTRAAGGKRRIHKTPSRTEVVACRPWLIAEMTSVEPDVVVLLG
ATAAKALLGNDFRVTQHRGEVLHVDDVPGDPALVATVHPSSLLRGPKEERESAFAGLVDDLRVAADVRP
;
_entity_poly.pdbx_strand_id   A
#
# COMPACT_ATOMS: atom_id res chain seq x y z
N ALA A 22 20.00 -2.52 -9.44
CA ALA A 22 19.00 -3.47 -8.94
C ALA A 22 17.56 -2.93 -9.00
N GLY A 23 16.69 -3.71 -9.63
CA GLY A 23 15.28 -3.36 -9.66
C GLY A 23 15.02 -1.99 -10.21
N ALA A 24 14.16 -1.23 -9.52
CA ALA A 24 13.74 0.08 -9.98
C ALA A 24 14.76 1.18 -9.71
N GLN A 25 15.89 0.90 -9.04
CA GLN A 25 16.70 1.99 -8.49
C GLN A 25 17.13 3.02 -9.53
N ASP A 26 17.55 2.62 -10.72
CA ASP A 26 18.05 3.63 -11.66
C ASP A 26 16.93 4.41 -12.33
N PHE A 27 15.68 3.97 -12.17
CA PHE A 27 14.54 4.66 -12.72
C PHE A 27 14.03 5.75 -11.79
N VAL A 28 14.49 5.77 -10.53
CA VAL A 28 14.03 6.74 -9.54
C VAL A 28 14.85 8.02 -9.69
N PRO A 29 14.23 9.16 -10.00
CA PRO A 29 14.99 10.40 -10.13
C PRO A 29 15.40 10.94 -8.77
N HIS A 30 16.41 11.82 -8.79
CA HIS A 30 16.87 12.48 -7.57
C HIS A 30 16.00 13.72 -7.34
N THR A 31 14.81 13.46 -6.83
CA THR A 31 13.89 14.52 -6.45
C THR A 31 12.86 13.90 -5.53
N ALA A 32 12.31 14.72 -4.64
CA ALA A 32 11.22 14.30 -3.76
C ALA A 32 9.86 14.82 -4.20
N ASP A 33 9.77 15.56 -5.31
CA ASP A 33 8.50 16.03 -5.82
C ASP A 33 7.68 14.80 -6.23
N LEU A 34 6.50 14.66 -5.65
CA LEU A 34 5.71 13.46 -5.90
C LEU A 34 5.21 13.44 -7.34
N ALA A 35 4.95 14.60 -7.92
CA ALA A 35 4.54 14.64 -9.31
C ALA A 35 5.66 14.16 -10.22
N GLU A 36 6.89 14.56 -9.97
CA GLU A 36 8.01 14.09 -10.77
C GLU A 36 8.29 12.61 -10.52
N LEU A 37 8.17 12.17 -9.27
CA LEU A 37 8.38 10.76 -8.97
C LEU A 37 7.34 9.93 -9.69
N ALA A 38 6.09 10.36 -9.64
CA ALA A 38 5.01 9.61 -10.29
C ALA A 38 5.21 9.54 -11.81
N ALA A 39 5.62 10.64 -12.43
CA ALA A 39 5.86 10.62 -13.87
C ALA A 39 7.01 9.68 -14.21
N ALA A 40 8.06 9.68 -13.40
CA ALA A 40 9.18 8.78 -13.62
C ALA A 40 8.76 7.31 -13.47
N ALA A 41 7.86 7.01 -12.50
CA ALA A 41 7.43 5.64 -12.31
C ALA A 41 6.67 5.14 -13.52
N GLY A 42 6.03 6.04 -14.27
CA GLY A 42 5.41 5.66 -15.52
C GLY A 42 6.37 5.06 -16.52
N GLU A 43 7.64 5.41 -16.43
CA GLU A 43 8.68 4.91 -17.32
C GLU A 43 9.45 3.76 -16.72
N CYS A 44 9.11 3.30 -15.52
CA CYS A 44 9.89 2.25 -14.86
C CYS A 44 9.75 0.93 -15.59
N ARG A 45 10.89 0.21 -15.70
CA ARG A 45 10.93 -1.16 -16.18
C ARG A 45 11.65 -2.04 -15.17
N GLY A 46 11.62 -1.66 -13.88
CA GLY A 46 12.41 -2.31 -12.85
C GLY A 46 12.13 -3.77 -12.64
N CYS A 47 10.95 -4.23 -13.00
CA CYS A 47 10.60 -5.64 -13.05
C CYS A 47 9.74 -5.88 -14.30
N GLY A 48 9.15 -7.06 -14.40
CA GLY A 48 8.36 -7.41 -15.59
C GLY A 48 6.96 -6.85 -15.59
N LEU A 49 6.50 -6.30 -14.47
CA LEU A 49 5.07 -6.01 -14.32
C LEU A 49 4.59 -4.84 -15.18
N TYR A 50 5.48 -3.96 -15.59
CA TYR A 50 5.05 -2.84 -16.42
C TYR A 50 4.48 -3.33 -17.75
N ARG A 51 4.81 -4.53 -18.20
CA ARG A 51 4.49 -4.91 -19.59
C ARG A 51 2.99 -5.04 -19.79
N ASP A 52 2.32 -5.78 -18.93
CA ASP A 52 0.91 -6.05 -19.13
C ASP A 52 -0.01 -5.05 -18.46
N ALA A 53 0.45 -4.33 -17.45
CA ALA A 53 -0.36 -3.34 -16.78
C ALA A 53 -0.62 -2.17 -17.72
N THR A 54 -1.67 -1.42 -17.41
CA THR A 54 -2.00 -0.25 -18.23
C THR A 54 -1.04 0.89 -17.97
N GLN A 55 -0.69 1.12 -16.71
CA GLN A 55 0.11 2.25 -16.30
C GLN A 55 0.61 1.98 -14.89
N ALA A 56 1.62 2.70 -14.47
CA ALA A 56 1.99 2.69 -13.06
C ALA A 56 0.95 3.44 -12.25
N VAL A 57 0.72 3.00 -11.03
CA VAL A 57 -0.17 3.69 -10.11
C VAL A 57 0.69 4.13 -8.93
N PHE A 58 1.07 5.39 -8.94
CA PHE A 58 1.82 5.96 -7.85
C PHE A 58 0.91 6.24 -6.66
N GLY A 59 1.51 6.62 -5.54
CA GLY A 59 0.73 7.00 -4.40
C GLY A 59 -0.01 8.31 -4.62
N ALA A 60 -1.00 8.56 -3.75
CA ALA A 60 -1.87 9.72 -3.81
C ALA A 60 -1.91 10.40 -2.45
N GLY A 61 -1.80 11.72 -2.49
CA GLY A 61 -1.70 12.55 -1.31
C GLY A 61 -0.53 13.48 -1.42
N GLY A 62 -0.29 14.22 -0.35
CA GLY A 62 0.74 15.23 -0.33
C GLY A 62 1.83 14.99 0.70
N ARG A 63 2.92 15.72 0.55
CA ARG A 63 4.09 15.50 1.37
C ARG A 63 3.95 16.03 2.80
N SER A 64 2.88 16.75 3.12
CA SER A 64 2.62 17.13 4.50
C SER A 64 1.98 16.03 5.31
N ALA A 65 1.59 14.93 4.66
CA ALA A 65 0.88 13.87 5.37
C ALA A 65 1.71 13.32 6.52
N ARG A 66 1.03 13.15 7.64
CA ARG A 66 1.62 12.51 8.82
C ARG A 66 1.53 10.99 8.77
N ILE A 67 0.52 10.46 8.09
CA ILE A 67 0.23 9.04 8.05
C ILE A 67 0.36 8.60 6.61
N MET A 68 1.20 7.60 6.36
CA MET A 68 1.30 6.94 5.09
C MET A 68 0.67 5.58 5.21
N MET A 69 -0.03 5.13 4.20
CA MET A 69 -0.65 3.83 4.20
C MET A 69 -0.20 3.12 2.94
N ILE A 70 0.16 1.84 3.06
CA ILE A 70 0.71 1.05 1.96
C ILE A 70 -0.06 -0.25 1.82
N GLY A 71 -0.68 -0.45 0.66
CA GLY A 71 -1.25 -1.73 0.27
C GLY A 71 -0.29 -2.58 -0.54
N GLU A 72 -0.83 -3.62 -1.19
CA GLU A 72 -0.03 -4.55 -1.94
C GLU A 72 0.31 -4.01 -3.33
N GLN A 73 -0.72 -3.71 -4.14
CA GLN A 73 -0.58 -3.32 -5.54
C GLN A 73 -1.89 -2.70 -5.98
N PRO A 74 -1.88 -1.94 -7.07
CA PRO A 74 -3.17 -1.56 -7.67
C PRO A 74 -3.91 -2.78 -8.15
N GLY A 75 -5.24 -2.77 -7.99
CA GLY A 75 -6.08 -3.76 -8.58
C GLY A 75 -6.63 -3.31 -9.93
N ASP A 76 -7.62 -4.05 -10.42
CA ASP A 76 -8.23 -3.78 -11.73
C ASP A 76 -8.70 -2.33 -11.84
N LYS A 77 -9.48 -1.88 -10.87
CA LYS A 77 -9.99 -0.51 -10.92
C LYS A 77 -8.85 0.51 -10.88
N GLU A 78 -7.87 0.29 -10.02
CA GLU A 78 -6.78 1.25 -9.85
C GLU A 78 -5.91 1.33 -11.08
N ASP A 79 -5.64 0.18 -11.72
CA ASP A 79 -4.86 0.13 -12.93
C ASP A 79 -5.40 1.04 -14.03
N LEU A 80 -6.71 1.25 -14.07
CA LEU A 80 -7.32 2.11 -15.08
C LEU A 80 -7.63 3.49 -14.56
N ALA A 81 -7.84 3.66 -13.25
CA ALA A 81 -8.08 4.98 -12.67
C ALA A 81 -6.80 5.78 -12.49
N GLY A 82 -5.66 5.09 -12.34
CA GLY A 82 -4.42 5.80 -12.07
C GLY A 82 -4.24 6.22 -10.65
N LEU A 83 -5.09 5.74 -9.74
CA LEU A 83 -5.13 6.13 -8.34
C LEU A 83 -5.28 4.86 -7.48
N PRO A 84 -4.73 4.87 -6.26
CA PRO A 84 -4.84 3.73 -5.37
C PRO A 84 -6.19 3.71 -4.65
N PHE A 85 -6.59 2.50 -4.29
CA PHE A 85 -7.72 2.28 -3.39
C PHE A 85 -9.00 3.01 -3.84
N VAL A 86 -9.43 2.71 -5.06
CA VAL A 86 -10.65 3.28 -5.62
C VAL A 86 -11.72 2.23 -5.87
N GLY A 87 -11.44 0.96 -5.62
CA GLY A 87 -12.42 -0.09 -5.84
C GLY A 87 -13.03 -0.54 -4.53
N PRO A 88 -13.53 -1.76 -4.49
CA PRO A 88 -14.25 -2.23 -3.28
C PRO A 88 -13.40 -2.15 -2.01
N ALA A 89 -12.15 -2.56 -2.06
CA ALA A 89 -11.32 -2.47 -0.87
C ALA A 89 -11.15 -1.02 -0.43
N GLY A 90 -11.01 -0.10 -1.39
CA GLY A 90 -10.89 1.30 -1.03
C GLY A 90 -12.15 1.87 -0.40
N ARG A 91 -13.33 1.42 -0.85
CA ARG A 91 -14.56 1.88 -0.20
C ARG A 91 -14.66 1.38 1.23
N LEU A 92 -14.25 0.15 1.47
CA LEU A 92 -14.22 -0.33 2.85
C LEU A 92 -13.18 0.43 3.67
N LEU A 93 -11.99 0.63 3.10
CA LEU A 93 -10.99 1.44 3.79
C LEU A 93 -11.53 2.80 4.16
N ASP A 94 -12.27 3.45 3.23
CA ASP A 94 -12.86 4.75 3.50
C ASP A 94 -13.78 4.70 4.69
N ARG A 95 -14.59 3.64 4.79
CA ARG A 95 -15.49 3.52 5.91
C ARG A 95 -14.73 3.37 7.23
N ALA A 96 -13.62 2.61 7.21
CA ALA A 96 -12.78 2.43 8.40
C ALA A 96 -12.10 3.74 8.77
N LEU A 97 -11.58 4.48 7.79
CA LEU A 97 -10.93 5.76 8.08
C LEU A 97 -11.92 6.72 8.71
N GLU A 98 -13.11 6.80 8.12
CA GLU A 98 -14.08 7.75 8.63
C GLU A 98 -14.45 7.39 10.07
N ALA A 99 -14.57 6.09 10.36
CA ALA A 99 -14.86 5.65 11.72
C ALA A 99 -13.69 5.94 12.67
N ALA A 100 -12.46 5.96 12.17
CA ALA A 100 -11.30 6.29 12.99
C ALA A 100 -11.05 7.79 13.03
N ASP A 101 -11.93 8.59 12.44
CA ASP A 101 -11.78 10.04 12.34
C ASP A 101 -10.45 10.43 11.70
N ILE A 102 -10.13 9.75 10.61
CA ILE A 102 -8.97 10.06 9.79
C ILE A 102 -9.48 10.56 8.44
N ASP A 103 -9.00 11.71 8.04
CA ASP A 103 -9.36 12.33 6.77
C ASP A 103 -8.45 11.75 5.68
N ARG A 104 -9.05 11.01 4.75
CA ARG A 104 -8.25 10.39 3.68
C ARG A 104 -7.44 11.41 2.88
N ASP A 105 -7.96 12.62 2.69
CA ASP A 105 -7.22 13.65 1.97
C ASP A 105 -5.96 14.10 2.70
N ALA A 106 -5.83 13.78 3.98
CA ALA A 106 -4.65 14.11 4.75
C ALA A 106 -3.59 13.00 4.77
N LEU A 107 -3.86 11.85 4.15
CA LEU A 107 -2.98 10.71 4.12
C LEU A 107 -2.14 10.74 2.86
N TYR A 108 -1.07 9.96 2.84
CA TYR A 108 -0.40 9.56 1.60
C TYR A 108 -0.60 8.06 1.46
N VAL A 109 -1.32 7.64 0.43
CA VAL A 109 -1.74 6.27 0.22
C VAL A 109 -1.03 5.72 -0.99
N THR A 110 -0.40 4.55 -0.83
CA THR A 110 0.39 3.95 -1.90
C THR A 110 0.32 2.43 -1.77
N ASN A 111 1.19 1.75 -2.52
CA ASN A 111 1.25 0.29 -2.59
C ASN A 111 2.70 -0.15 -2.72
N ALA A 112 2.97 -1.37 -2.26
CA ALA A 112 4.33 -1.91 -2.32
C ALA A 112 4.83 -2.09 -3.75
N VAL A 113 3.96 -2.49 -4.66
CA VAL A 113 4.28 -2.62 -6.08
C VAL A 113 3.34 -1.72 -6.85
N LYS A 114 3.87 -1.08 -7.90
CA LYS A 114 3.17 0.02 -8.58
C LYS A 114 2.50 -0.38 -9.89
N HIS A 115 2.70 -1.59 -10.39
CA HIS A 115 2.01 -2.10 -11.57
C HIS A 115 1.18 -3.33 -11.19
N PHE A 116 -0.05 -3.39 -11.69
CA PHE A 116 -0.99 -4.47 -11.42
C PHE A 116 -0.50 -5.76 -12.08
N LYS A 117 -0.40 -6.80 -11.27
CA LYS A 117 -0.04 -8.14 -11.69
C LYS A 117 -1.32 -8.96 -11.70
N PHE A 118 -1.69 -9.56 -12.83
CA PHE A 118 -3.06 -10.07 -12.96
C PHE A 118 -3.19 -11.22 -13.95
N THR A 119 -4.34 -11.87 -13.86
CA THR A 119 -4.85 -12.74 -14.91
C THR A 119 -6.34 -12.51 -15.06
N ARG A 120 -6.92 -13.13 -16.08
CA ARG A 120 -8.37 -13.18 -16.25
C ARG A 120 -8.82 -14.62 -16.21
N ALA A 121 -9.99 -14.86 -15.64
CA ALA A 121 -10.65 -16.14 -15.81
C ALA A 121 -11.77 -15.97 -16.81
N ALA A 122 -12.02 -17.01 -17.59
CA ALA A 122 -13.13 -16.99 -18.52
C ALA A 122 -14.45 -16.85 -17.74
N GLY A 123 -15.39 -16.11 -18.31
CA GLY A 123 -16.62 -15.81 -17.62
C GLY A 123 -16.44 -14.94 -16.38
N GLY A 124 -15.21 -14.52 -16.09
CA GLY A 124 -14.97 -13.67 -14.94
C GLY A 124 -15.43 -12.24 -15.17
N LYS A 125 -15.70 -11.56 -14.06
CA LYS A 125 -16.22 -10.19 -14.09
C LYS A 125 -15.14 -9.16 -13.87
N ARG A 126 -13.89 -9.58 -13.66
CA ARG A 126 -12.80 -8.63 -13.50
C ARG A 126 -11.48 -9.33 -13.79
N ARG A 127 -10.44 -8.52 -13.89
CA ARG A 127 -9.09 -9.02 -13.82
C ARG A 127 -8.76 -9.22 -12.36
N ILE A 128 -8.17 -10.37 -12.07
CA ILE A 128 -7.92 -10.80 -10.69
C ILE A 128 -6.43 -10.67 -10.42
N HIS A 129 -6.10 -10.08 -9.29
CA HIS A 129 -4.71 -9.88 -8.96
C HIS A 129 -3.99 -11.19 -8.69
N LYS A 130 -2.71 -11.19 -8.96
CA LYS A 130 -1.79 -12.25 -8.57
C LYS A 130 -0.76 -11.66 -7.62
N THR A 131 -0.32 -12.47 -6.69
CA THR A 131 0.55 -11.99 -5.62
C THR A 131 1.92 -11.63 -6.18
N PRO A 132 2.47 -10.44 -5.89
CA PRO A 132 3.84 -10.15 -6.32
C PRO A 132 4.82 -11.11 -5.66
N SER A 133 5.82 -11.53 -6.40
CA SER A 133 6.88 -12.31 -5.79
C SER A 133 7.73 -11.40 -4.91
N ARG A 134 8.47 -12.01 -3.96
CA ARG A 134 9.39 -11.21 -3.16
C ARG A 134 10.35 -10.45 -4.06
N THR A 135 10.75 -11.06 -5.18
CA THR A 135 11.64 -10.39 -6.11
C THR A 135 11.03 -9.09 -6.64
N GLU A 136 9.75 -9.14 -7.06
CA GLU A 136 9.07 -7.95 -7.53
C GLU A 136 8.91 -6.91 -6.43
N VAL A 137 8.61 -7.35 -5.21
CA VAL A 137 8.50 -6.41 -4.09
C VAL A 137 9.81 -5.69 -3.87
N VAL A 138 10.91 -6.45 -3.85
CA VAL A 138 12.22 -5.84 -3.61
C VAL A 138 12.62 -4.97 -4.79
N ALA A 139 12.24 -5.36 -6.01
CA ALA A 139 12.53 -4.54 -7.18
C ALA A 139 11.84 -3.19 -7.09
N CYS A 140 10.61 -3.15 -6.60
CA CYS A 140 9.82 -1.92 -6.62
C CYS A 140 10.08 -1.08 -5.39
N ARG A 141 10.70 -1.66 -4.35
CA ARG A 141 10.85 -0.96 -3.08
C ARG A 141 11.60 0.36 -3.19
N PRO A 142 12.53 0.59 -4.12
CA PRO A 142 13.10 1.93 -4.23
C PRO A 142 12.05 3.01 -4.39
N TRP A 143 10.91 2.75 -5.03
CA TRP A 143 9.86 3.77 -5.10
C TRP A 143 9.27 4.04 -3.73
N LEU A 144 9.05 2.99 -2.95
CA LEU A 144 8.52 3.16 -1.61
C LEU A 144 9.49 3.95 -0.75
N ILE A 145 10.79 3.64 -0.87
CA ILE A 145 11.78 4.41 -0.12
C ILE A 145 11.77 5.87 -0.54
N ALA A 146 11.65 6.14 -1.84
CA ALA A 146 11.56 7.52 -2.30
C ALA A 146 10.32 8.19 -1.76
N GLU A 147 9.18 7.49 -1.73
CA GLU A 147 7.97 8.06 -1.17
C GLU A 147 8.15 8.36 0.30
N MET A 148 8.75 7.44 1.05
CA MET A 148 8.92 7.67 2.48
C MET A 148 9.84 8.83 2.76
N THR A 149 10.92 8.96 1.99
CA THR A 149 11.82 10.09 2.20
C THR A 149 11.18 11.39 1.75
N SER A 150 10.30 11.34 0.77
CA SER A 150 9.60 12.52 0.30
C SER A 150 8.58 13.00 1.32
N VAL A 151 7.82 12.06 1.89
CA VAL A 151 6.70 12.41 2.74
C VAL A 151 7.13 12.58 4.19
N GLU A 152 8.16 11.86 4.64
CA GLU A 152 8.58 11.85 6.04
C GLU A 152 7.40 11.62 6.98
N PRO A 153 6.64 10.54 6.80
CA PRO A 153 5.50 10.29 7.67
C PRO A 153 5.94 10.02 9.11
N ASP A 154 5.05 10.35 10.04
CA ASP A 154 5.26 9.96 11.44
C ASP A 154 4.98 8.49 11.65
N VAL A 155 4.09 7.92 10.85
CA VAL A 155 3.63 6.54 10.98
C VAL A 155 3.30 6.00 9.61
N VAL A 156 3.59 4.71 9.43
CA VAL A 156 3.28 3.98 8.21
C VAL A 156 2.35 2.83 8.59
N VAL A 157 1.17 2.80 7.99
CA VAL A 157 0.25 1.68 8.13
C VAL A 157 0.49 0.72 6.98
N LEU A 158 0.72 -0.52 7.28
CA LEU A 158 1.02 -1.55 6.31
C LEU A 158 -0.21 -2.43 6.22
N LEU A 159 -0.90 -2.35 5.09
CA LEU A 159 -2.18 -3.02 4.91
C LEU A 159 -1.90 -4.35 4.23
N GLY A 160 -1.88 -5.42 4.99
CA GLY A 160 -1.71 -6.75 4.49
C GLY A 160 -0.28 -7.26 4.48
N ALA A 161 -0.17 -8.55 4.16
CA ALA A 161 1.09 -9.27 4.29
C ALA A 161 2.19 -8.73 3.37
N THR A 162 1.87 -8.46 2.10
CA THR A 162 2.94 -8.04 1.16
C THR A 162 3.57 -6.73 1.60
N ALA A 163 2.76 -5.72 1.88
CA ALA A 163 3.24 -4.42 2.31
C ALA A 163 4.01 -4.55 3.60
N ALA A 164 3.47 -5.33 4.56
CA ALA A 164 4.14 -5.45 5.84
C ALA A 164 5.50 -6.10 5.67
N LYS A 165 5.56 -7.18 4.92
CA LYS A 165 6.82 -7.85 4.63
C LYS A 165 7.81 -6.97 3.90
N ALA A 166 7.32 -6.08 3.04
CA ALA A 166 8.24 -5.20 2.31
C ALA A 166 9.16 -4.45 3.26
N LEU A 167 8.64 -4.02 4.40
CA LEU A 167 9.45 -3.25 5.36
C LEU A 167 9.91 -4.03 6.57
N LEU A 168 9.20 -5.09 6.96
CA LEU A 168 9.44 -5.78 8.20
C LEU A 168 10.11 -7.12 8.01
N GLY A 169 10.34 -7.58 6.81
CA GLY A 169 11.00 -8.82 6.51
C GLY A 169 10.05 -9.86 5.94
N ASN A 170 10.61 -10.77 5.14
CA ASN A 170 9.82 -11.76 4.44
C ASN A 170 9.12 -12.76 5.36
N ASP A 171 9.62 -12.96 6.58
CA ASP A 171 8.99 -13.86 7.52
C ASP A 171 7.91 -13.21 8.39
N PHE A 172 7.72 -11.91 8.26
CA PHE A 172 6.84 -11.20 9.19
C PHE A 172 5.40 -11.67 9.03
N ARG A 173 4.71 -11.86 10.18
CA ARG A 173 3.31 -12.27 10.20
C ARG A 173 2.42 -11.16 10.76
N VAL A 174 1.62 -10.54 9.88
CA VAL A 174 0.63 -9.55 10.30
C VAL A 174 -0.24 -10.11 11.41
N THR A 175 -0.69 -11.36 11.25
CA THR A 175 -1.64 -11.89 12.20
C THR A 175 -1.11 -11.94 13.63
N GLN A 176 0.20 -11.93 13.81
CA GLN A 176 0.83 -12.08 15.10
C GLN A 176 1.18 -10.76 15.77
N HIS A 177 0.94 -9.60 15.12
CA HIS A 177 1.44 -8.33 15.66
C HIS A 177 0.42 -7.21 15.60
N ARG A 178 -0.87 -7.56 15.70
CA ARG A 178 -1.86 -6.69 15.09
C ARG A 178 -1.83 -5.21 15.47
N GLY A 179 -2.14 -4.93 16.70
CA GLY A 179 -2.23 -3.56 17.18
C GLY A 179 -0.94 -3.04 17.82
N GLU A 180 0.21 -3.40 17.27
CA GLU A 180 1.50 -3.09 17.87
C GLU A 180 2.19 -2.00 17.09
N VAL A 181 2.80 -1.06 17.79
CA VAL A 181 3.63 -0.03 17.18
C VAL A 181 5.04 -0.57 17.08
N LEU A 182 5.52 -0.72 15.85
CA LEU A 182 6.80 -1.29 15.53
C LEU A 182 7.75 -0.19 15.05
N HIS A 183 9.04 -0.46 15.18
CA HIS A 183 10.08 0.43 14.65
C HIS A 183 11.21 -0.48 14.27
N VAL A 184 11.74 -0.35 13.05
CA VAL A 184 12.91 -1.10 12.63
C VAL A 184 13.98 -0.14 12.16
N ASP A 185 15.24 -0.49 12.41
CA ASP A 185 16.30 0.45 12.07
C ASP A 185 16.53 0.58 10.57
N ASP A 186 15.97 -0.33 9.76
CA ASP A 186 16.17 -0.32 8.31
C ASP A 186 15.43 0.83 7.62
N VAL A 187 14.42 1.39 8.26
CA VAL A 187 13.47 2.22 7.52
C VAL A 187 13.89 3.68 7.60
N PRO A 188 13.98 4.40 6.49
CA PRO A 188 14.40 5.81 6.53
C PRO A 188 13.45 6.68 7.34
N GLY A 189 14.01 7.52 8.20
CA GLY A 189 13.21 8.40 9.02
C GLY A 189 12.68 7.76 10.30
N ASP A 190 12.90 6.45 10.47
CA ASP A 190 12.42 5.71 11.65
C ASP A 190 10.99 6.05 12.02
N PRO A 191 10.04 6.04 11.07
CA PRO A 191 8.63 6.18 11.44
C PRO A 191 8.18 5.01 12.30
N ALA A 192 7.13 5.23 13.08
CA ALA A 192 6.42 4.11 13.65
C ALA A 192 5.76 3.34 12.50
N LEU A 193 5.62 2.04 12.67
CA LEU A 193 4.99 1.15 11.72
C LEU A 193 3.87 0.38 12.39
N VAL A 194 2.72 0.30 11.72
CA VAL A 194 1.61 -0.46 12.22
C VAL A 194 1.13 -1.38 11.11
N ALA A 195 1.17 -2.68 11.34
CA ALA A 195 0.75 -3.66 10.33
C ALA A 195 -0.66 -4.13 10.65
N THR A 196 -1.53 -4.11 9.64
CA THR A 196 -2.92 -4.46 9.85
C THR A 196 -3.39 -5.34 8.70
N VAL A 197 -4.63 -5.78 8.83
CA VAL A 197 -5.26 -6.59 7.79
C VAL A 197 -5.44 -5.74 6.54
N HIS A 198 -5.40 -6.38 5.39
CA HIS A 198 -5.75 -5.69 4.17
C HIS A 198 -7.27 -5.49 4.11
N PRO A 199 -7.73 -4.29 3.74
CA PRO A 199 -9.19 -4.08 3.68
C PRO A 199 -9.91 -5.08 2.79
N SER A 200 -9.26 -5.57 1.74
CA SER A 200 -9.92 -6.54 0.87
C SER A 200 -10.28 -7.81 1.60
N SER A 201 -9.52 -8.19 2.64
CA SER A 201 -9.86 -9.38 3.42
C SER A 201 -11.17 -9.22 4.19
N LEU A 202 -11.65 -7.99 4.36
CA LEU A 202 -12.89 -7.70 5.08
C LEU A 202 -14.10 -7.66 4.15
N LEU A 203 -13.90 -7.94 2.86
CA LEU A 203 -14.99 -7.87 1.90
C LEU A 203 -15.83 -9.14 1.94
N ARG A 204 -15.26 -10.26 2.36
CA ARG A 204 -15.92 -11.55 2.25
C ARG A 204 -15.70 -12.37 3.53
N GLY A 205 -16.65 -13.26 3.81
CA GLY A 205 -16.63 -14.06 5.01
C GLY A 205 -17.92 -13.86 5.80
N PRO A 206 -18.10 -14.64 6.87
CA PRO A 206 -19.30 -14.47 7.70
C PRO A 206 -19.41 -13.06 8.28
N LYS A 207 -20.64 -12.58 8.39
CA LYS A 207 -20.90 -11.20 8.82
C LYS A 207 -20.24 -10.88 10.17
N GLU A 208 -20.46 -11.73 11.18
CA GLU A 208 -19.87 -11.45 12.50
C GLU A 208 -18.35 -11.38 12.40
N GLU A 209 -17.73 -12.24 11.58
CA GLU A 209 -16.28 -12.17 11.43
C GLU A 209 -15.87 -10.93 10.65
N ARG A 210 -16.63 -10.55 9.63
CA ARG A 210 -16.34 -9.30 8.92
C ARG A 210 -16.49 -8.10 9.84
N GLU A 211 -17.49 -8.12 10.72
CA GLU A 211 -17.71 -6.99 11.63
C GLU A 211 -16.63 -6.92 12.69
N SER A 212 -16.22 -8.06 13.24
CA SER A 212 -15.12 -8.06 14.20
C SER A 212 -13.84 -7.61 13.53
N ALA A 213 -13.58 -8.07 12.31
CA ALA A 213 -12.36 -7.70 11.62
C ALA A 213 -12.33 -6.21 11.27
N PHE A 214 -13.48 -5.64 10.91
CA PHE A 214 -13.54 -4.20 10.63
C PHE A 214 -13.20 -3.39 11.87
N ALA A 215 -13.75 -3.80 13.03
CA ALA A 215 -13.45 -3.11 14.28
C ALA A 215 -11.96 -3.14 14.57
N GLY A 216 -11.33 -4.26 14.30
CA GLY A 216 -9.90 -4.37 14.53
C GLY A 216 -9.09 -3.48 13.61
N LEU A 217 -9.52 -3.36 12.34
CA LEU A 217 -8.89 -2.40 11.44
C LEU A 217 -9.03 -0.97 11.96
N VAL A 218 -10.23 -0.59 12.39
CA VAL A 218 -10.39 0.74 12.99
C VAL A 218 -9.41 0.95 14.14
N ASP A 219 -9.31 -0.03 15.04
CA ASP A 219 -8.39 0.05 16.18
C ASP A 219 -6.96 0.31 15.71
N ASP A 220 -6.51 -0.42 14.68
CA ASP A 220 -5.13 -0.29 14.24
C ASP A 220 -4.90 1.06 13.59
N LEU A 221 -5.89 1.55 12.81
CA LEU A 221 -5.83 2.91 12.29
C LEU A 221 -5.74 3.93 13.40
N ARG A 222 -6.48 3.71 14.51
CA ARG A 222 -6.44 4.66 15.62
C ARG A 222 -5.11 4.60 16.34
N VAL A 223 -4.52 3.41 16.46
CA VAL A 223 -3.14 3.32 16.99
C VAL A 223 -2.22 4.22 16.18
N ALA A 224 -2.28 4.08 14.85
CA ALA A 224 -1.41 4.87 13.99
C ALA A 224 -1.66 6.36 14.17
N ALA A 225 -2.93 6.77 14.16
CA ALA A 225 -3.28 8.18 14.29
C ALA A 225 -2.95 8.74 15.67
N ASP A 226 -2.79 7.88 16.67
CA ASP A 226 -2.44 8.31 18.02
C ASP A 226 -0.94 8.34 18.25
N VAL A 227 -0.13 7.99 17.25
CA VAL A 227 1.31 8.11 17.33
C VAL A 227 1.70 9.57 17.48
#